data_9KBT
#
_entry.id   9KBT
#
_cell.length_a   79.030
_cell.length_b   156.980
_cell.length_c   47.260
_cell.angle_alpha   90.00
_cell.angle_beta   90.00
_cell.angle_gamma   90.00
#
_symmetry.space_group_name_H-M   'C 2 2 21'
#
loop_
_entity.id
_entity.type
_entity.pdbx_description
1 polymer Lysozyme
2 non-polymer GLYCEROL
3 non-polymer 'SULFATE ION'
4 water water
#
_entity_poly.entity_id   1
_entity_poly.type   'polypeptide(L)'
_entity_poly.pdbx_seq_one_letter_code
;MSVDNAEQIAQAYSWLRAMSGGKLTQEQVTAGDSIIAMNGLKTFAQVIGYKMSDAVTGFRDISENGYKLIKSFEGFEPKA
YQDTGGVWTIGYGTIKYPNGTRVKKGDMCTMAEAEEWLKNDCAWVDACLDKYLKFQPTQNQFDALASFVYNVGETAFSKS
TMLKSLNAGNFAGAANQFDKWVYDNGKLIKGLVNRRAAEKKLFLS
;
_entity_poly.pdbx_strand_id   A
#
loop_
_chem_comp.id
_chem_comp.type
_chem_comp.name
_chem_comp.formula
GOL non-polymer GLYCEROL 'C3 H8 O3'
SO4 non-polymer 'SULFATE ION' 'O4 S -2'
#
# COMPACT_ATOMS: atom_id res chain seq x y z
N SER A 2 5.17 -18.95 5.72
CA SER A 2 5.71 -20.30 5.84
C SER A 2 6.40 -20.75 4.53
N VAL A 3 5.62 -21.14 3.52
CA VAL A 3 6.17 -21.40 2.18
C VAL A 3 6.52 -20.06 1.52
N ASP A 4 7.81 -19.78 1.39
CA ASP A 4 8.27 -18.56 0.75
C ASP A 4 7.82 -18.47 -0.69
N ASN A 5 7.46 -17.27 -1.13
CA ASN A 5 7.15 -17.02 -2.54
C ASN A 5 7.62 -15.62 -2.91
N ALA A 6 8.23 -15.49 -4.09
CA ALA A 6 8.76 -14.20 -4.55
C ALA A 6 7.68 -13.12 -4.69
N GLU A 7 6.45 -13.53 -4.99
CA GLU A 7 5.31 -12.61 -4.91
C GLU A 7 5.36 -11.76 -3.65
N GLN A 8 5.75 -12.35 -2.52
CA GLN A 8 5.57 -11.70 -1.24
C GLN A 8 6.64 -10.64 -0.95
N ILE A 9 7.76 -10.63 -1.67
CA ILE A 9 8.76 -9.57 -1.49
C ILE A 9 8.17 -8.19 -1.79
N ALA A 10 7.59 -8.02 -2.97
CA ALA A 10 6.90 -6.77 -3.27
C ALA A 10 5.86 -6.42 -2.20
N GLN A 11 5.31 -7.43 -1.53
CA GLN A 11 4.21 -7.15 -0.60
C GLN A 11 4.71 -6.67 0.74
N ALA A 12 5.70 -7.41 1.30
CA ALA A 12 6.37 -6.95 2.51
C ALA A 12 6.93 -5.56 2.34
N TYR A 13 7.45 -5.25 1.15
CA TYR A 13 8.07 -3.94 0.99
C TYR A 13 7.02 -2.84 0.95
N SER A 14 5.90 -3.04 0.23
CA SER A 14 4.86 -2.00 0.20
C SER A 14 4.17 -1.88 1.55
N TRP A 15 4.14 -2.98 2.32
CA TRP A 15 3.67 -2.88 3.69
C TRP A 15 4.65 -2.08 4.54
N LEU A 16 5.94 -2.38 4.40
CA LEU A 16 6.99 -1.60 5.05
C LEU A 16 6.94 -0.15 4.61
N ARG A 17 6.64 0.11 3.33
CA ARG A 17 6.58 1.48 2.83
C ARG A 17 5.54 2.29 3.61
N ALA A 18 4.39 1.68 3.90
CA ALA A 18 3.39 2.40 4.70
C ALA A 18 3.84 2.53 6.15
N MET A 19 4.46 1.48 6.71
CA MET A 19 4.92 1.60 8.07
C MET A 19 6.06 2.58 8.21
N SER A 20 6.78 2.87 7.13
CA SER A 20 7.86 3.83 7.14
C SER A 20 7.39 5.22 6.72
N GLY A 21 6.08 5.48 6.77
CA GLY A 21 5.59 6.84 6.57
C GLY A 21 5.45 7.28 5.13
N GLY A 22 5.35 6.36 4.18
CA GLY A 22 5.01 6.69 2.81
C GLY A 22 6.12 6.48 1.80
N LYS A 23 7.37 6.33 2.22
CA LYS A 23 8.45 6.09 1.28
C LYS A 23 9.47 5.11 1.84
N LEU A 24 10.19 4.49 0.95
CA LEU A 24 11.36 3.70 1.32
C LEU A 24 12.59 4.48 0.91
N THR A 25 13.65 4.32 1.67
CA THR A 25 14.96 4.78 1.27
C THR A 25 15.72 3.62 0.68
N GLN A 26 16.69 3.93 -0.20
CA GLN A 26 17.51 2.86 -0.75
C GLN A 26 18.21 2.11 0.36
N GLU A 27 18.51 2.81 1.45
CA GLU A 27 19.09 2.18 2.64
C GLU A 27 18.24 1.01 3.13
N GLN A 28 16.94 1.26 3.33
CA GLN A 28 16.05 0.17 3.76
C GLN A 28 16.08 -0.99 2.76
N VAL A 29 15.85 -0.68 1.47
CA VAL A 29 15.77 -1.73 0.45
C VAL A 29 17.08 -2.52 0.40
N THR A 30 18.21 -1.82 0.35
CA THR A 30 19.49 -2.53 0.33
C THR A 30 19.68 -3.37 1.59
N ALA A 31 19.28 -2.83 2.75
CA ALA A 31 19.35 -3.61 3.98
C ALA A 31 18.46 -4.84 3.89
N GLY A 32 17.20 -4.66 3.47
CA GLY A 32 16.26 -5.77 3.47
C GLY A 32 16.56 -6.83 2.44
N ASP A 33 17.06 -6.44 1.27
CA ASP A 33 17.52 -7.40 0.27
C ASP A 33 18.72 -8.18 0.79
N SER A 34 19.59 -7.51 1.54
CA SER A 34 20.68 -8.21 2.19
C SER A 34 20.15 -9.25 3.17
N ILE A 35 19.18 -8.86 4.00
CA ILE A 35 18.59 -9.81 4.94
C ILE A 35 17.96 -10.97 4.20
N ILE A 36 17.21 -10.67 3.13
CA ILE A 36 16.49 -11.70 2.41
C ILE A 36 17.48 -12.71 1.80
N ALA A 37 18.54 -12.20 1.16
CA ALA A 37 19.60 -13.05 0.63
C ALA A 37 20.30 -13.84 1.73
N MET A 38 20.54 -13.18 2.84
CA MET A 38 21.26 -13.79 3.93
C MET A 38 20.39 -14.73 4.80
N ASN A 39 19.28 -14.26 5.30
CA ASN A 39 18.56 -15.02 6.30
C ASN A 39 17.35 -15.74 5.74
N GLY A 40 16.80 -15.27 4.62
CA GLY A 40 15.54 -15.82 4.12
C GLY A 40 14.42 -14.82 4.22
N LEU A 41 13.42 -14.94 3.35
CA LEU A 41 12.31 -13.99 3.32
C LEU A 41 11.58 -13.94 4.66
N LYS A 42 11.56 -15.05 5.39
CA LYS A 42 10.79 -15.06 6.64
C LYS A 42 11.43 -14.16 7.70
N THR A 43 12.75 -14.15 7.78
CA THR A 43 13.41 -13.30 8.75
C THR A 43 13.15 -11.83 8.46
N PHE A 44 13.18 -11.45 7.17
CA PHE A 44 12.79 -10.09 6.78
C PHE A 44 11.36 -9.77 7.23
N ALA A 45 10.41 -10.62 6.86
CA ALA A 45 9.03 -10.32 7.21
C ALA A 45 8.83 -10.30 8.72
N GLN A 46 9.58 -11.10 9.45
CA GLN A 46 9.28 -11.24 10.86
C GLN A 46 9.78 -10.03 11.65
N VAL A 47 10.94 -9.50 11.27
CA VAL A 47 11.54 -8.47 12.10
C VAL A 47 10.78 -7.18 11.96
N ILE A 48 10.16 -6.94 10.80
CA ILE A 48 9.35 -5.75 10.60
C ILE A 48 7.93 -5.91 11.13
N GLY A 49 7.52 -7.12 11.49
CA GLY A 49 6.15 -7.34 11.92
C GLY A 49 5.18 -7.63 10.80
N TYR A 50 5.66 -8.05 9.65
CA TYR A 50 4.77 -8.34 8.54
C TYR A 50 4.36 -9.81 8.61
N LYS A 51 3.07 -10.06 8.86
CA LYS A 51 2.53 -11.41 8.97
C LYS A 51 1.86 -11.73 7.64
N MET A 52 2.56 -12.50 6.80
CA MET A 52 2.11 -12.78 5.44
C MET A 52 0.82 -13.59 5.42
N SER A 53 -0.12 -13.18 4.57
CA SER A 53 -1.44 -13.82 4.51
C SER A 53 -1.61 -14.76 3.32
N VAL A 56 -7.29 -15.77 0.97
CA VAL A 56 -7.91 -16.60 2.00
C VAL A 56 -9.10 -15.82 2.57
N THR A 57 -8.96 -14.49 2.62
CA THR A 57 -9.99 -13.65 3.15
C THR A 57 -11.12 -13.54 2.15
N GLY A 58 -12.12 -14.38 2.32
CA GLY A 58 -13.26 -14.38 1.42
C GLY A 58 -14.26 -13.29 1.71
N PHE A 59 -13.77 -12.09 1.90
CA PHE A 59 -14.64 -10.96 2.11
C PHE A 59 -15.05 -9.93 1.10
N ARG A 60 -14.09 -9.44 0.33
CA ARG A 60 -14.28 -8.80 -0.94
C ARG A 60 -12.88 -8.51 -1.44
N ASP A 61 -12.76 -8.19 -2.71
CA ASP A 61 -11.48 -7.90 -3.27
C ASP A 61 -11.51 -6.51 -3.83
N ILE A 62 -10.34 -5.90 -3.96
CA ILE A 62 -10.25 -4.54 -4.50
C ILE A 62 -10.83 -4.60 -5.90
N SER A 63 -11.94 -3.89 -6.11
CA SER A 63 -12.58 -3.83 -7.41
C SER A 63 -11.78 -2.94 -8.36
N GLU A 64 -12.11 -3.05 -9.65
CA GLU A 64 -11.41 -2.27 -10.67
C GLU A 64 -11.40 -0.79 -10.35
N ASN A 65 -12.47 -0.27 -9.73
CA ASN A 65 -12.55 1.16 -9.44
C ASN A 65 -11.66 1.50 -8.25
N GLY A 66 -11.65 0.65 -7.23
CA GLY A 66 -10.66 0.81 -6.17
C GLY A 66 -9.27 0.97 -6.73
N TYR A 67 -8.87 0.09 -7.66
CA TYR A 67 -7.56 0.22 -8.29
C TYR A 67 -7.44 1.50 -9.08
N LYS A 68 -8.56 2.05 -9.56
CA LYS A 68 -8.51 3.25 -10.38
C LYS A 68 -7.96 4.42 -9.58
N LEU A 69 -8.53 4.65 -8.39
CA LEU A 69 -8.04 5.78 -7.59
C LEU A 69 -6.66 5.49 -7.00
N ILE A 70 -6.42 4.24 -6.56
CA ILE A 70 -5.06 3.88 -6.14
C ILE A 70 -4.07 4.23 -7.24
N LYS A 71 -4.36 3.77 -8.47
CA LYS A 71 -3.55 4.16 -9.63
C LYS A 71 -3.42 5.67 -9.73
N SER A 72 -4.52 6.38 -9.49
CA SER A 72 -4.54 7.82 -9.66
C SER A 72 -3.49 8.51 -8.79
N PHE A 73 -3.32 8.04 -7.56
CA PHE A 73 -2.42 8.71 -6.64
C PHE A 73 -0.96 8.29 -6.75
N GLU A 74 -0.73 7.10 -7.26
CA GLU A 74 0.63 6.63 -7.42
C GLU A 74 1.26 7.31 -8.60
N GLY A 75 0.52 7.40 -9.69
CA GLY A 75 1.03 8.07 -10.87
C GLY A 75 1.78 7.19 -11.83
N PHE A 76 1.25 7.02 -13.02
CA PHE A 76 1.90 6.19 -14.01
C PHE A 76 3.24 6.68 -14.49
N GLU A 77 4.23 5.82 -14.40
CA GLU A 77 5.56 6.15 -14.90
C GLU A 77 6.04 5.04 -15.83
N PRO A 78 6.01 5.26 -17.14
CA PRO A 78 6.33 4.16 -18.07
C PRO A 78 7.81 3.82 -18.14
N LYS A 79 8.69 4.61 -17.53
CA LYS A 79 10.10 4.26 -17.47
C LYS A 79 10.59 4.33 -16.03
N ALA A 80 11.58 3.50 -15.72
CA ALA A 80 12.11 3.45 -14.36
C ALA A 80 12.79 4.76 -14.00
N TYR A 81 12.45 5.29 -12.83
CA TYR A 81 12.93 6.57 -12.34
C TYR A 81 13.32 6.44 -10.87
N GLN A 82 14.35 7.20 -10.47
CA GLN A 82 14.83 7.21 -9.08
C GLN A 82 13.91 8.04 -8.21
N ASP A 83 13.24 7.41 -7.25
CA ASP A 83 12.27 8.08 -6.39
C ASP A 83 12.97 9.01 -5.39
N THR A 84 12.13 9.78 -4.68
CA THR A 84 12.59 10.71 -3.64
C THR A 84 13.58 10.06 -2.69
N GLY A 85 13.28 8.85 -2.21
CA GLY A 85 14.20 8.10 -1.37
C GLY A 85 15.41 7.49 -2.09
N GLY A 86 15.45 7.56 -3.42
CA GLY A 86 16.57 6.98 -4.14
C GLY A 86 16.37 5.57 -4.66
N VAL A 87 15.18 4.99 -4.50
CA VAL A 87 14.93 3.64 -4.99
C VAL A 87 14.41 3.75 -6.42
N TRP A 88 14.98 2.95 -7.31
CA TRP A 88 14.46 2.88 -8.68
C TRP A 88 13.05 2.33 -8.64
N THR A 89 12.16 2.97 -9.40
CA THR A 89 10.71 2.77 -9.31
C THR A 89 10.11 2.88 -10.71
N ILE A 90 8.99 2.18 -10.95
CA ILE A 90 8.36 2.14 -12.26
C ILE A 90 6.86 1.92 -12.08
N GLY A 91 6.11 2.19 -13.14
CA GLY A 91 4.66 1.97 -13.16
C GLY A 91 3.86 2.75 -12.14
N TYR A 92 3.16 2.04 -11.26
CA TYR A 92 2.37 2.65 -10.21
C TYR A 92 3.03 2.44 -8.85
N GLY A 93 4.25 2.94 -8.67
CA GLY A 93 4.94 2.79 -7.40
C GLY A 93 5.65 1.47 -7.18
N THR A 94 5.85 0.70 -8.23
CA THR A 94 6.41 -0.65 -8.10
C THR A 94 7.93 -0.63 -8.04
N ILE A 95 8.49 -1.26 -7.01
CA ILE A 95 9.93 -1.43 -6.88
C ILE A 95 10.37 -2.89 -6.93
N LYS A 96 9.46 -3.85 -6.73
CA LYS A 96 9.77 -5.27 -6.89
C LYS A 96 8.73 -5.91 -7.81
N TYR A 97 9.21 -6.57 -8.86
CA TYR A 97 8.33 -7.33 -9.71
C TYR A 97 7.82 -8.58 -8.97
N PRO A 98 6.69 -9.14 -9.39
CA PRO A 98 6.21 -10.36 -8.72
C PRO A 98 7.22 -11.51 -8.66
N ASN A 99 8.26 -11.51 -9.51
CA ASN A 99 9.30 -12.53 -9.37
C ASN A 99 10.45 -12.12 -8.45
N GLY A 100 10.25 -11.09 -7.61
CA GLY A 100 11.23 -10.74 -6.61
C GLY A 100 12.40 -9.91 -7.11
N THR A 101 12.57 -9.77 -8.44
CA THR A 101 13.67 -8.98 -8.97
C THR A 101 13.38 -7.49 -8.84
N ARG A 102 14.43 -6.70 -8.78
CA ARG A 102 14.30 -5.27 -8.48
C ARG A 102 14.10 -4.47 -9.76
N VAL A 103 13.25 -3.44 -9.67
CA VAL A 103 13.22 -2.42 -10.70
C VAL A 103 14.60 -1.83 -10.80
N LYS A 104 15.08 -1.63 -12.03
CA LYS A 104 16.39 -1.06 -12.24
C LYS A 104 16.37 0.00 -13.33
N LYS A 105 17.42 0.82 -13.35
CA LYS A 105 17.60 1.85 -14.37
C LYS A 105 17.62 1.22 -15.75
N GLY A 106 16.70 1.65 -16.62
CA GLY A 106 16.52 1.10 -17.94
C GLY A 106 15.17 0.44 -18.17
N ASP A 107 14.52 -0.05 -17.10
CA ASP A 107 13.26 -0.76 -17.24
C ASP A 107 12.19 0.15 -17.84
N MET A 108 11.28 -0.47 -18.62
CA MET A 108 10.15 0.19 -19.28
C MET A 108 8.91 -0.69 -19.13
N CYS A 109 7.72 -0.05 -19.13
CA CYS A 109 6.48 -0.81 -19.03
C CYS A 109 5.35 -0.17 -19.84
N THR A 110 4.20 -0.84 -19.84
CA THR A 110 2.91 -0.33 -20.30
C THR A 110 1.95 -0.21 -19.12
N MET A 111 0.76 0.35 -19.37
CA MET A 111 -0.18 0.49 -18.25
C MET A 111 -0.70 -0.87 -17.84
N ALA A 112 -0.91 -1.76 -18.80
CA ALA A 112 -1.43 -3.07 -18.46
C ALA A 112 -0.39 -3.90 -17.74
N GLU A 113 0.89 -3.70 -18.03
CA GLU A 113 1.93 -4.32 -17.23
C GLU A 113 1.93 -3.73 -15.83
N ALA A 114 1.96 -2.40 -15.73
CA ALA A 114 2.09 -1.75 -14.45
C ALA A 114 0.90 -2.03 -13.54
N GLU A 115 -0.29 -2.21 -14.10
CA GLU A 115 -1.41 -2.49 -13.19
C GLU A 115 -1.35 -3.92 -12.67
N GLU A 116 -0.83 -4.84 -13.47
CA GLU A 116 -0.52 -6.18 -12.98
C GLU A 116 0.38 -6.16 -11.74
N TRP A 117 1.54 -5.50 -11.83
CA TRP A 117 2.45 -5.44 -10.68
C TRP A 117 1.83 -4.72 -9.51
N LEU A 118 0.97 -3.72 -9.79
CA LEU A 118 0.30 -3.02 -8.70
C LEU A 118 -0.62 -3.94 -7.91
N LYS A 119 -1.32 -4.86 -8.59
CA LYS A 119 -2.22 -5.76 -7.87
C LYS A 119 -1.43 -6.66 -6.95
N ASN A 120 -0.26 -7.11 -7.39
CA ASN A 120 0.61 -7.84 -6.48
C ASN A 120 1.10 -6.95 -5.34
N ASP A 121 1.54 -5.72 -5.67
CA ASP A 121 1.97 -4.75 -4.65
C ASP A 121 0.96 -4.62 -3.52
N CYS A 122 -0.34 -4.60 -3.85
CA CYS A 122 -1.43 -4.30 -2.92
C CYS A 122 -2.02 -5.54 -2.27
N ALA A 123 -1.51 -6.73 -2.59
CA ALA A 123 -2.29 -7.92 -2.29
C ALA A 123 -2.35 -8.24 -0.82
N TRP A 124 -1.70 -7.44 0.04
CA TRP A 124 -1.83 -7.63 1.47
C TRP A 124 -2.95 -6.78 2.06
N VAL A 125 -3.52 -5.85 1.29
CA VAL A 125 -4.37 -4.82 1.89
C VAL A 125 -5.70 -5.42 2.35
N ASP A 126 -6.26 -6.34 1.57
CA ASP A 126 -7.56 -6.90 1.91
C ASP A 126 -7.48 -7.81 3.14
N ALA A 127 -6.41 -8.60 3.25
CA ALA A 127 -6.18 -9.37 4.48
C ALA A 127 -6.11 -8.45 5.69
N CYS A 128 -5.33 -7.37 5.58
CA CYS A 128 -5.27 -6.41 6.67
C CYS A 128 -6.65 -5.84 6.96
N LEU A 129 -7.35 -5.39 5.94
CA LEU A 129 -8.69 -4.84 6.13
C LEU A 129 -9.61 -5.84 6.81
N ASP A 130 -9.41 -7.12 6.56
CA ASP A 130 -10.27 -8.09 7.15
C ASP A 130 -10.11 -8.24 8.63
N LYS A 131 -8.88 -8.19 9.11
CA LYS A 131 -8.66 -8.46 10.52
C LYS A 131 -9.01 -7.32 11.46
N TYR A 132 -9.12 -6.12 10.94
CA TYR A 132 -9.43 -5.00 11.77
C TYR A 132 -10.88 -4.60 11.60
N LEU A 133 -11.55 -5.16 10.60
CA LEU A 133 -12.95 -4.89 10.40
C LEU A 133 -13.65 -6.22 10.50
N GLN A 136 -17.50 -6.25 10.31
CA GLN A 136 -18.58 -5.94 9.37
C GLN A 136 -18.11 -5.98 7.90
N PRO A 137 -18.76 -6.79 7.07
CA PRO A 137 -18.57 -6.68 5.62
C PRO A 137 -19.08 -5.35 5.09
N THR A 138 -18.17 -4.55 4.56
CA THR A 138 -18.51 -3.23 4.02
C THR A 138 -18.83 -3.29 2.52
N GLN A 139 -19.66 -4.29 2.17
CA GLN A 139 -20.00 -4.55 0.75
C GLN A 139 -18.77 -4.36 -0.11
N ASN A 140 -18.90 -3.52 -1.11
CA ASN A 140 -17.72 -3.19 -1.92
C ASN A 140 -17.65 -1.67 -1.97
N GLN A 141 -17.52 -1.07 -0.80
CA GLN A 141 -17.06 0.29 -0.72
C GLN A 141 -15.95 0.33 0.34
N PHE A 142 -15.24 -0.77 0.49
CA PHE A 142 -13.94 -0.69 1.12
C PHE A 142 -12.84 -0.35 0.11
N ASP A 143 -13.18 -0.17 -1.16
CA ASP A 143 -12.24 0.35 -2.14
C ASP A 143 -11.66 1.68 -1.73
N ALA A 144 -12.36 2.45 -0.89
CA ALA A 144 -11.77 3.67 -0.34
C ALA A 144 -10.91 3.34 0.88
N LEU A 145 -11.30 2.32 1.64
CA LEU A 145 -10.51 1.89 2.80
C LEU A 145 -9.21 1.24 2.35
N ALA A 146 -9.27 0.41 1.32
CA ALA A 146 -8.07 -0.22 0.77
C ALA A 146 -7.07 0.83 0.30
N SER A 147 -7.55 1.81 -0.46
CA SER A 147 -6.69 2.93 -0.78
C SER A 147 -6.17 3.62 0.47
N PHE A 148 -6.95 3.61 1.55
CA PHE A 148 -6.52 4.26 2.78
C PHE A 148 -5.43 3.46 3.51
N VAL A 149 -5.68 2.17 3.75
CA VAL A 149 -4.72 1.35 4.49
C VAL A 149 -3.43 1.17 3.70
N TYR A 150 -3.53 0.99 2.38
CA TYR A 150 -2.33 0.86 1.56
C TYR A 150 -1.47 2.11 1.64
N ASN A 151 -2.11 3.27 1.84
CA ASN A 151 -1.34 4.50 1.97
C ASN A 151 -0.80 4.67 3.39
N VAL A 152 -1.59 4.30 4.40
CA VAL A 152 -1.33 4.74 5.75
C VAL A 152 -0.75 3.65 6.63
N GLY A 153 -1.02 2.39 6.35
CA GLY A 153 -0.31 1.29 6.98
C GLY A 153 -1.10 0.63 8.08
N GLU A 154 -0.71 -0.62 8.37
CA GLU A 154 -1.46 -1.47 9.30
C GLU A 154 -1.51 -0.86 10.71
N THR A 155 -0.36 -0.49 11.26
CA THR A 155 -0.33 0.06 12.62
C THR A 155 -1.16 1.34 12.70
N ALA A 156 -1.02 2.22 11.71
CA ALA A 156 -1.80 3.46 11.67
C ALA A 156 -3.29 3.17 11.70
N PHE A 157 -3.76 2.22 10.91
CA PHE A 157 -5.18 1.92 10.85
C PHE A 157 -5.67 1.34 12.18
N SER A 158 -4.82 0.57 12.87
CA SER A 158 -5.23 -0.10 14.10
C SER A 158 -5.33 0.84 15.30
N LYS A 159 -4.73 2.03 15.22
CA LYS A 159 -4.78 3.02 16.28
C LYS A 159 -5.69 4.20 15.93
N SER A 160 -6.40 4.11 14.82
CA SER A 160 -7.10 5.27 14.30
C SER A 160 -8.42 5.49 15.04
N THR A 161 -8.71 6.75 15.36
CA THR A 161 -10.09 7.08 15.73
C THR A 161 -11.03 6.72 14.60
N MET A 162 -10.54 6.76 13.35
CA MET A 162 -11.35 6.35 12.21
C MET A 162 -11.78 4.90 12.32
N LEU A 163 -10.97 4.03 12.91
CA LEU A 163 -11.39 2.64 13.09
C LEU A 163 -12.41 2.52 14.19
N LYS A 164 -12.37 3.44 15.14
CA LYS A 164 -13.31 3.37 16.26
C LYS A 164 -14.72 3.49 15.76
N SER A 165 -14.94 4.47 14.89
CA SER A 165 -16.27 4.71 14.34
C SER A 165 -16.65 3.70 13.28
N LEU A 166 -15.72 2.82 12.91
CA LEU A 166 -16.06 1.79 11.94
C LEU A 166 -16.80 0.66 12.63
N ASN A 167 -16.17 0.11 13.67
CA ASN A 167 -16.78 -1.00 14.39
C ASN A 167 -17.12 -0.59 15.81
N GLY A 169 -20.33 2.12 14.98
CA GLY A 169 -20.66 1.94 13.59
C GLY A 169 -21.00 3.27 12.99
N ASN A 170 -20.44 4.36 13.52
CA ASN A 170 -20.68 5.68 12.91
C ASN A 170 -19.92 5.84 11.61
N PHE A 171 -20.56 5.52 10.51
CA PHE A 171 -19.86 5.56 9.23
C PHE A 171 -19.72 6.95 8.73
N ALA A 172 -20.32 7.90 9.42
CA ALA A 172 -20.28 9.26 8.96
C ALA A 172 -19.10 9.96 9.55
N GLY A 173 -18.73 9.59 10.77
CA GLY A 173 -17.51 10.18 11.30
C GLY A 173 -16.27 9.61 10.64
N ALA A 174 -16.26 8.29 10.38
CA ALA A 174 -15.21 7.71 9.56
C ALA A 174 -15.01 8.54 8.30
N ALA A 175 -16.10 8.75 7.55
CA ALA A 175 -16.03 9.52 6.31
C ALA A 175 -15.41 10.90 6.53
N ASN A 176 -15.69 11.51 7.68
CA ASN A 176 -15.04 12.78 7.97
C ASN A 176 -13.62 12.59 8.49
N GLN A 177 -13.29 11.38 8.97
CA GLN A 177 -11.95 11.16 9.52
C GLN A 177 -10.88 11.18 8.44
N PHE A 178 -11.21 10.71 7.23
CA PHE A 178 -10.30 10.76 6.08
C PHE A 178 -9.64 12.13 5.98
N ASP A 179 -10.44 13.18 6.20
CA ASP A 179 -9.94 14.54 6.01
C ASP A 179 -8.79 14.87 6.96
N LYS A 180 -8.88 14.45 8.21
CA LYS A 180 -7.84 14.76 9.19
C LYS A 180 -6.42 14.28 8.84
N TRP A 181 -6.32 13.19 8.08
CA TRP A 181 -5.03 12.64 7.71
C TRP A 181 -4.40 13.35 6.55
N VAL A 182 -4.01 14.58 6.73
CA VAL A 182 -3.50 15.35 5.62
C VAL A 182 -2.18 15.92 6.03
N TYR A 183 -1.87 15.74 7.29
CA TYR A 183 -0.64 16.32 7.77
C TYR A 183 0.47 15.30 7.67
N ASP A 184 1.65 15.79 7.31
CA ASP A 184 2.88 15.05 7.33
C ASP A 184 3.95 16.02 7.81
N ASN A 185 4.73 15.60 8.81
CA ASN A 185 5.82 16.43 9.32
C ASN A 185 5.27 17.76 9.86
N GLY A 186 4.12 17.68 10.53
CA GLY A 186 3.46 18.88 11.02
C GLY A 186 2.82 19.75 9.96
N LYS A 187 3.16 19.53 8.69
CA LYS A 187 2.70 20.34 7.57
C LYS A 187 1.44 19.74 6.94
N LEU A 188 0.71 20.59 6.24
CA LEU A 188 -0.43 20.15 5.45
C LEU A 188 0.01 19.89 4.03
N ILE A 189 -0.44 18.76 3.48
CA ILE A 189 0.01 18.29 2.17
C ILE A 189 -1.18 18.32 1.22
N LYS A 190 -1.04 19.06 0.12
CA LYS A 190 -2.15 19.24 -0.82
C LYS A 190 -2.55 17.91 -1.44
N GLY A 191 -1.57 17.09 -1.81
CA GLY A 191 -1.86 15.76 -2.34
C GLY A 191 -2.68 14.93 -1.37
N LEU A 192 -2.38 15.05 -0.08
CA LEU A 192 -3.08 14.23 0.90
C LEU A 192 -4.56 14.60 0.99
N VAL A 193 -4.86 15.88 1.23
CA VAL A 193 -6.26 16.29 1.24
C VAL A 193 -6.89 16.02 -0.11
N ASN A 194 -6.15 16.28 -1.19
CA ASN A 194 -6.62 15.85 -2.49
C ASN A 194 -6.95 14.36 -2.46
N ARG A 195 -5.99 13.55 -2.00
CA ARG A 195 -6.19 12.10 -1.90
C ARG A 195 -7.30 11.78 -0.90
N ARG A 196 -7.19 12.32 0.32
CA ARG A 196 -8.21 12.14 1.34
C ARG A 196 -9.60 12.47 0.78
N ALA A 197 -9.72 13.60 0.08
CA ALA A 197 -11.00 13.97 -0.51
C ALA A 197 -11.55 12.81 -1.33
N ALA A 198 -10.76 12.32 -2.29
CA ALA A 198 -11.22 11.28 -3.20
C ALA A 198 -11.51 9.97 -2.48
N GLU A 199 -10.92 9.74 -1.31
CA GLU A 199 -11.28 8.56 -0.53
C GLU A 199 -12.51 8.81 0.32
N LYS A 200 -12.61 10.01 0.90
CA LYS A 200 -13.86 10.43 1.54
C LYS A 200 -15.02 10.36 0.55
N LYS A 201 -14.86 10.97 -0.62
CA LYS A 201 -15.96 11.00 -1.58
C LYS A 201 -16.30 9.61 -2.07
N LEU A 202 -15.28 8.82 -2.43
CA LEU A 202 -15.57 7.46 -2.84
C LEU A 202 -16.16 6.65 -1.69
N PHE A 203 -15.87 7.04 -0.43
CA PHE A 203 -16.51 6.40 0.73
C PHE A 203 -18.03 6.51 0.68
N LEU A 204 -18.58 7.39 -0.17
CA LEU A 204 -20.03 7.58 -0.32
C LEU A 204 -20.41 7.15 -1.75
N SER A 205 -21.02 5.97 -1.87
CA SER A 205 -21.28 5.36 -3.18
C SER A 205 -22.09 6.26 -4.12
C1 GOL B . 16.90 -9.54 -2.08
O1 GOL B . 17.75 -10.65 -2.34
C2 GOL B . 15.83 -9.41 -3.15
O2 GOL B . 14.59 -9.11 -2.52
C3 GOL B . 16.17 -8.28 -4.11
O3 GOL B . 15.10 -8.04 -5.03
C1 GOL C . 20.98 -8.73 -1.84
O1 GOL C . 20.99 -9.18 -3.18
C2 GOL C . 22.31 -8.07 -1.52
O2 GOL C . 23.20 -9.04 -0.97
C3 GOL C . 22.08 -6.95 -0.51
O3 GOL C . 21.47 -5.83 -1.14
S SO4 D . -1.34 -8.41 6.87
O1 SO4 D . -0.14 -8.55 7.71
O2 SO4 D . -2.49 -9.10 7.51
O3 SO4 D . -1.61 -6.97 6.75
O4 SO4 D . -1.10 -9.00 5.53
#